data_3W8J
#
_entry.id   3W8J
#
_cell.length_a   39.045
_cell.length_b   53.375
_cell.length_c   133.353
_cell.angle_alpha   90.00
_cell.angle_beta   90.00
_cell.angle_gamma   90.00
#
_symmetry.space_group_name_H-M   'P 21 21 21'
#
loop_
_entity.id
_entity.type
_entity.pdbx_description
1 polymer 'Protein disulfide-isomerase A6'
2 polymer 'C-terminal peptide from Peroxiredoxin-4'
3 non-polymer 'POTASSIUM ION'
4 non-polymer GLYCEROL
5 water water
#
loop_
_entity_poly.entity_id
_entity_poly.type
_entity_poly.pdbx_seq_one_letter_code
_entity_poly.pdbx_strand_id
1 'polypeptide(L)'
;MGSSHHHHHHSSGLVPRGSHMLYSSSDDVIELTPSNFNREVIQSDSLWLVEFYAPWCGHAQRLTPEWKKAATALKDVVKV
GAVDADKHHSLGGQYGVQGFPTIKIFGSNKNRPEDYQGGRTGEAIVDAALSALRQLVKDRLG
;
A,B
2 'polypeptide(L)' HGEVCPAGWKPGSETIIPDP C,D
#
# COMPACT_ATOMS: atom_id res chain seq x y z
N LEU A 22 -10.13 10.10 -22.38
CA LEU A 22 -9.66 8.74 -22.07
C LEU A 22 -10.06 8.24 -20.67
N TYR A 23 -9.97 9.09 -19.65
CA TYR A 23 -10.38 8.73 -18.29
C TYR A 23 -11.51 9.62 -17.76
N SER A 24 -12.16 9.17 -16.71
CA SER A 24 -13.28 9.91 -16.13
C SER A 24 -13.43 9.56 -14.65
N SER A 25 -14.43 10.14 -14.02
CA SER A 25 -14.76 9.90 -12.62
C SER A 25 -15.21 8.47 -12.33
N SER A 26 -15.48 7.70 -13.39
CA SER A 26 -15.89 6.30 -13.24
C SER A 26 -14.70 5.34 -13.08
N ASP A 27 -13.48 5.87 -13.05
CA ASP A 27 -12.33 5.00 -12.86
C ASP A 27 -11.45 5.49 -11.72
N ASP A 28 -10.41 4.73 -11.40
CA ASP A 28 -9.56 5.04 -10.25
C ASP A 28 -8.28 5.78 -10.64
N VAL A 29 -8.26 6.27 -11.88
CA VAL A 29 -7.15 7.07 -12.34
C VAL A 29 -7.38 8.52 -11.95
N ILE A 30 -6.44 9.09 -11.21
CA ILE A 30 -6.58 10.48 -10.81
C ILE A 30 -6.11 11.46 -11.89
N GLU A 31 -7.06 12.24 -12.41
CA GLU A 31 -6.75 13.24 -13.42
C GLU A 31 -5.87 14.34 -12.84
N LEU A 32 -4.64 14.45 -13.35
CA LEU A 32 -3.67 15.41 -12.82
C LEU A 32 -3.42 16.60 -13.75
N THR A 33 -3.98 17.75 -13.37
CA THR A 33 -3.74 19.00 -14.07
C THR A 33 -2.58 19.74 -13.41
N PRO A 34 -2.05 20.80 -14.08
CA PRO A 34 -1.04 21.60 -13.37
C PRO A 34 -1.65 22.31 -12.16
N SER A 35 -2.97 22.31 -12.08
CA SER A 35 -3.68 22.98 -10.99
C SER A 35 -3.88 22.09 -9.75
N ASN A 36 -3.14 20.98 -9.67
CA ASN A 36 -3.20 20.13 -8.49
C ASN A 36 -1.96 19.25 -8.35
N PHE A 37 -1.04 19.39 -9.30
CA PHE A 37 0.07 18.48 -9.36
C PHE A 37 0.97 18.50 -8.11
N ASN A 38 1.48 19.67 -7.75
CA ASN A 38 2.36 19.81 -6.59
C ASN A 38 1.65 19.27 -5.34
N ARG A 39 0.37 19.57 -5.25
CA ARG A 39 -0.45 19.17 -4.11
C ARG A 39 -0.65 17.65 -4.05
N GLU A 40 -1.18 17.07 -5.13
CA GLU A 40 -1.50 15.64 -5.15
C GLU A 40 -0.26 14.75 -5.17
N VAL A 41 0.80 15.19 -5.84
CA VAL A 41 1.92 14.33 -6.14
C VAL A 41 3.18 14.69 -5.36
N ILE A 42 3.63 15.92 -5.52
CA ILE A 42 4.89 16.37 -4.94
C ILE A 42 4.85 16.35 -3.42
N GLN A 43 3.80 16.94 -2.85
CA GLN A 43 3.65 16.99 -1.39
C GLN A 43 2.96 15.74 -0.84
N SER A 44 3.28 14.58 -1.43
CA SER A 44 2.64 13.33 -1.05
C SER A 44 3.66 12.30 -0.59
N ASP A 45 3.35 11.62 0.51
CA ASP A 45 4.20 10.56 1.02
C ASP A 45 3.94 9.25 0.28
N SER A 46 2.95 9.23 -0.60
CA SER A 46 2.58 8.00 -1.29
C SER A 46 3.49 7.72 -2.47
N LEU A 47 3.51 6.46 -2.89
CA LEU A 47 4.10 6.12 -4.17
C LEU A 47 3.11 6.55 -5.24
N TRP A 48 3.63 7.14 -6.32
CA TRP A 48 2.79 7.65 -7.39
C TRP A 48 3.26 7.12 -8.73
N LEU A 49 2.30 6.65 -9.53
CA LEU A 49 2.56 6.35 -10.93
C LEU A 49 1.80 7.38 -11.75
N VAL A 50 2.49 8.08 -12.65
CA VAL A 50 1.85 9.12 -13.43
C VAL A 50 2.08 8.94 -14.93
N GLU A 51 0.99 8.84 -15.67
CA GLU A 51 1.05 8.72 -17.12
C GLU A 51 0.90 10.07 -17.80
N PHE A 52 1.86 10.41 -18.63
CA PHE A 52 1.81 11.62 -19.41
C PHE A 52 1.41 11.22 -20.82
N TYR A 53 0.25 11.68 -21.27
CA TYR A 53 -0.31 11.22 -22.55
C TYR A 53 -0.92 12.36 -23.37
N ALA A 54 -1.43 11.98 -24.55
CA ALA A 54 -2.25 12.86 -25.38
C ALA A 54 -3.35 11.96 -25.94
N PRO A 55 -4.59 12.45 -25.96
CA PRO A 55 -5.69 11.53 -26.31
C PRO A 55 -5.67 11.08 -27.78
N TRP A 56 -5.03 11.85 -28.67
CA TRP A 56 -4.93 11.47 -30.09
C TRP A 56 -3.83 10.47 -30.39
N CYS A 57 -3.07 10.07 -29.37
CA CYS A 57 -1.91 9.18 -29.59
C CYS A 57 -2.26 7.70 -29.44
N GLY A 58 -2.22 6.96 -30.55
CA GLY A 58 -2.50 5.54 -30.56
C GLY A 58 -1.81 4.69 -29.50
N HIS A 59 -0.54 4.95 -29.21
CA HIS A 59 0.13 4.17 -28.17
C HIS A 59 -0.45 4.46 -26.78
N ALA A 60 -0.91 5.70 -26.57
CA ALA A 60 -1.55 6.08 -25.32
C ALA A 60 -2.93 5.47 -25.21
N GLN A 61 -3.69 5.43 -26.29
CA GLN A 61 -5.02 4.83 -26.26
C GLN A 61 -4.95 3.34 -25.89
N ARG A 62 -3.93 2.67 -26.40
CA ARG A 62 -3.74 1.24 -26.18
C ARG A 62 -3.50 0.95 -24.70
N LEU A 63 -2.88 1.91 -24.02
CA LEU A 63 -2.45 1.75 -22.63
C LEU A 63 -3.59 2.01 -21.65
N THR A 64 -4.55 2.83 -22.06
CA THR A 64 -5.69 3.26 -21.25
C THR A 64 -6.36 2.14 -20.43
N PRO A 65 -6.77 1.03 -21.07
CA PRO A 65 -7.43 0.00 -20.26
C PRO A 65 -6.51 -0.62 -19.22
N GLU A 66 -5.23 -0.79 -19.53
CA GLU A 66 -4.31 -1.43 -18.61
C GLU A 66 -4.00 -0.48 -17.45
N TRP A 67 -3.99 0.81 -17.76
CA TRP A 67 -3.72 1.82 -16.74
C TRP A 67 -4.85 1.83 -15.71
N LYS A 68 -6.08 1.71 -16.19
CA LYS A 68 -7.24 1.70 -15.32
C LYS A 68 -7.20 0.45 -14.48
N LYS A 69 -6.85 -0.67 -15.09
CA LYS A 69 -6.75 -1.91 -14.34
C LYS A 69 -5.71 -1.78 -13.23
N ALA A 70 -4.57 -1.18 -13.55
CA ALA A 70 -3.55 -0.98 -12.52
C ALA A 70 -4.06 -0.09 -11.40
N ALA A 71 -4.70 1.03 -11.75
CA ALA A 71 -5.17 1.96 -10.75
C ALA A 71 -6.15 1.30 -9.79
N THR A 72 -7.05 0.50 -10.36
CA THR A 72 -8.03 -0.20 -9.55
C THR A 72 -7.37 -1.27 -8.68
N ALA A 73 -6.44 -2.04 -9.25
CA ALA A 73 -5.75 -3.07 -8.48
C ALA A 73 -4.98 -2.44 -7.30
N LEU A 74 -4.46 -1.24 -7.55
CA LEU A 74 -3.60 -0.54 -6.59
C LEU A 74 -4.36 0.44 -5.70
N LYS A 75 -5.68 0.33 -5.68
CA LYS A 75 -6.53 1.27 -4.95
C LYS A 75 -6.12 1.31 -3.47
N ASP A 76 -5.86 2.51 -2.96
CA ASP A 76 -5.49 2.78 -1.57
C ASP A 76 -4.08 2.28 -1.19
N VAL A 77 -3.34 1.80 -2.19
CA VAL A 77 -2.01 1.26 -1.98
C VAL A 77 -0.99 2.13 -2.70
N VAL A 78 -1.22 2.35 -3.99
CA VAL A 78 -0.40 3.25 -4.79
C VAL A 78 -1.33 4.19 -5.54
N LYS A 79 -0.98 5.48 -5.57
CA LYS A 79 -1.74 6.46 -6.33
C LYS A 79 -1.35 6.40 -7.80
N VAL A 80 -2.38 6.39 -8.66
CA VAL A 80 -2.18 6.29 -10.10
C VAL A 80 -2.79 7.49 -10.80
N GLY A 81 -1.97 8.25 -11.50
CA GLY A 81 -2.42 9.46 -12.14
C GLY A 81 -2.20 9.47 -13.64
N ALA A 82 -2.79 10.47 -14.28
CA ALA A 82 -2.60 10.70 -15.70
C ALA A 82 -2.65 12.19 -15.98
N VAL A 83 -1.74 12.64 -16.85
CA VAL A 83 -1.72 14.01 -17.29
C VAL A 83 -1.82 14.05 -18.79
N ASP A 84 -2.84 14.74 -19.29
CA ASP A 84 -2.92 15.11 -20.70
C ASP A 84 -1.83 16.14 -20.94
N ALA A 85 -0.64 15.67 -21.34
CA ALA A 85 0.50 16.55 -21.57
C ALA A 85 0.47 17.19 -22.96
N ASP A 86 -0.65 17.05 -23.65
CA ASP A 86 -0.88 17.81 -24.87
C ASP A 86 -1.66 19.07 -24.50
N LYS A 87 -2.70 18.87 -23.71
CA LYS A 87 -3.53 19.96 -23.21
C LYS A 87 -2.76 20.78 -22.16
N HIS A 88 -1.87 20.11 -21.44
CA HIS A 88 -1.01 20.78 -20.46
C HIS A 88 0.46 20.51 -20.78
N HIS A 89 1.00 21.21 -21.77
CA HIS A 89 2.36 20.94 -22.25
C HIS A 89 3.45 21.44 -21.30
N SER A 90 3.11 22.43 -20.49
CA SER A 90 4.02 23.01 -19.50
C SER A 90 4.50 21.94 -18.53
N LEU A 91 3.54 21.28 -17.90
CA LEU A 91 3.81 20.19 -16.98
C LEU A 91 4.53 19.06 -17.71
N GLY A 92 4.16 18.85 -18.97
CA GLY A 92 4.81 17.84 -19.78
C GLY A 92 6.27 18.20 -19.97
N GLY A 93 6.52 19.48 -20.23
CA GLY A 93 7.86 19.97 -20.42
C GLY A 93 8.67 19.92 -19.13
N GLN A 94 8.02 20.21 -18.01
CA GLN A 94 8.71 20.21 -16.73
C GLN A 94 9.36 18.87 -16.42
N TYR A 95 8.82 17.80 -16.97
CA TYR A 95 9.38 16.47 -16.72
C TYR A 95 10.02 15.86 -17.95
N GLY A 96 10.29 16.69 -18.95
CA GLY A 96 11.02 16.28 -20.13
C GLY A 96 10.30 15.23 -20.94
N VAL A 97 8.97 15.31 -20.94
CA VAL A 97 8.17 14.36 -21.72
C VAL A 97 8.31 14.68 -23.20
N GLN A 98 8.94 13.77 -23.93
CA GLN A 98 9.17 13.96 -25.37
C GLN A 98 8.34 12.99 -26.20
N GLY A 99 7.50 12.21 -25.53
CA GLY A 99 6.62 11.28 -26.22
C GLY A 99 5.50 10.75 -25.35
N PHE A 100 4.51 10.14 -26.00
CA PHE A 100 3.38 9.58 -25.26
C PHE A 100 3.19 8.12 -25.65
N PRO A 101 2.85 7.26 -24.68
CA PRO A 101 2.71 7.63 -23.27
C PRO A 101 4.06 7.58 -22.61
N THR A 102 4.29 8.49 -21.65
CA THR A 102 5.46 8.40 -20.78
C THR A 102 4.99 8.17 -19.36
N ILE A 103 5.56 7.15 -18.71
CA ILE A 103 5.15 6.80 -17.37
C ILE A 103 6.27 7.08 -16.37
N LYS A 104 5.98 7.95 -15.40
CA LYS A 104 6.96 8.31 -14.39
C LYS A 104 6.55 7.69 -13.07
N ILE A 105 7.54 7.29 -12.27
CA ILE A 105 7.29 6.72 -10.95
C ILE A 105 7.84 7.67 -9.90
N PHE A 106 6.99 8.06 -8.96
CA PHE A 106 7.41 9.02 -7.95
C PHE A 106 7.58 8.38 -6.58
N GLY A 107 8.84 8.13 -6.20
CA GLY A 107 9.15 7.41 -4.97
C GLY A 107 9.35 8.28 -3.74
N SER A 108 10.29 7.88 -2.89
CA SER A 108 10.66 8.67 -1.71
C SER A 108 10.93 10.12 -2.11
N ASN A 109 11.93 10.30 -2.96
CA ASN A 109 12.30 11.63 -3.43
C ASN A 109 11.45 12.05 -4.62
N LYS A 110 10.53 12.98 -4.37
CA LYS A 110 9.57 13.39 -5.39
C LYS A 110 10.18 14.28 -6.49
N ASN A 111 11.49 14.51 -6.41
CA ASN A 111 12.17 15.35 -7.38
C ASN A 111 13.16 14.57 -8.22
N ARG A 112 13.25 13.27 -7.98
CA ARG A 112 13.94 12.39 -8.91
C ARG A 112 13.00 11.26 -9.35
N PRO A 113 11.91 11.61 -10.06
CA PRO A 113 11.02 10.52 -10.51
C PRO A 113 11.68 9.75 -11.65
N GLU A 114 11.73 8.43 -11.51
CA GLU A 114 12.34 7.63 -12.55
C GLU A 114 11.34 7.22 -13.64
N ASP A 115 11.85 6.92 -14.82
CA ASP A 115 11.00 6.51 -15.91
C ASP A 115 10.78 5.01 -15.88
N TYR A 116 9.56 4.61 -16.18
CA TYR A 116 9.25 3.21 -16.29
C TYR A 116 9.41 2.84 -17.75
N GLN A 117 10.13 1.75 -18.02
CA GLN A 117 10.22 1.25 -19.39
C GLN A 117 9.84 -0.22 -19.50
N GLY A 118 9.11 -0.72 -18.49
CA GLY A 118 8.65 -2.10 -18.50
C GLY A 118 7.46 -2.32 -19.42
N GLY A 119 6.82 -3.48 -19.28
CA GLY A 119 5.67 -3.81 -20.11
C GLY A 119 4.49 -2.89 -19.83
N ARG A 120 3.51 -2.89 -20.72
CA ARG A 120 2.39 -1.98 -20.55
C ARG A 120 1.11 -2.72 -20.18
N THR A 121 1.25 -3.98 -19.79
CA THR A 121 0.12 -4.74 -19.28
C THR A 121 -0.19 -4.33 -17.86
N GLY A 122 -1.42 -4.59 -17.42
CA GLY A 122 -1.83 -4.29 -16.07
C GLY A 122 -0.88 -4.91 -15.08
N GLU A 123 -0.57 -6.19 -15.28
CA GLU A 123 0.34 -6.91 -14.39
C GLU A 123 1.77 -6.37 -14.37
N ALA A 124 2.29 -6.00 -15.53
CA ALA A 124 3.63 -5.44 -15.60
C ALA A 124 3.70 -4.14 -14.81
N ILE A 125 2.69 -3.30 -14.98
CA ILE A 125 2.65 -2.02 -14.28
C ILE A 125 2.54 -2.23 -12.78
N VAL A 126 1.67 -3.14 -12.37
CA VAL A 126 1.52 -3.44 -10.94
C VAL A 126 2.82 -4.02 -10.34
N ASP A 127 3.51 -4.90 -11.09
CA ASP A 127 4.78 -5.48 -10.64
C ASP A 127 5.79 -4.37 -10.38
N ALA A 128 5.95 -3.49 -11.35
CA ALA A 128 6.83 -2.33 -11.18
C ALA A 128 6.38 -1.47 -10.00
N ALA A 129 5.07 -1.28 -9.87
CA ALA A 129 4.52 -0.49 -8.76
C ALA A 129 4.87 -1.07 -7.38
N LEU A 130 4.70 -2.39 -7.22
CA LEU A 130 5.08 -3.09 -5.99
C LEU A 130 6.59 -3.04 -5.68
N SER A 131 7.42 -3.28 -6.70
CA SER A 131 8.87 -3.11 -6.54
C SER A 131 9.23 -1.73 -5.99
N ALA A 132 8.78 -0.67 -6.66
CA ALA A 132 9.00 0.69 -6.21
C ALA A 132 8.45 0.91 -4.79
N LEU A 133 7.34 0.26 -4.48
CA LEU A 133 6.72 0.44 -3.17
C LEU A 133 7.55 -0.20 -2.09
N ARG A 134 8.05 -1.41 -2.37
CA ARG A 134 8.97 -2.09 -1.46
C ARG A 134 10.13 -1.18 -1.13
N GLN A 135 10.57 -0.40 -2.11
CA GLN A 135 11.74 0.46 -1.87
C GLN A 135 11.38 1.66 -1.02
N LEU A 136 10.23 2.27 -1.29
CA LEU A 136 9.77 3.41 -0.50
C LEU A 136 9.61 3.05 0.98
N VAL A 137 9.05 1.87 1.24
CA VAL A 137 8.80 1.44 2.61
C VAL A 137 10.11 1.11 3.31
N LYS A 138 10.98 0.36 2.63
CA LYS A 138 12.29 0.04 3.20
C LYS A 138 13.18 1.28 3.40
N ASP A 139 12.96 2.32 2.60
CA ASP A 139 13.56 3.62 2.87
C ASP A 139 13.04 4.22 4.17
N ARG A 140 11.73 4.09 4.39
CA ARG A 140 11.12 4.63 5.60
C ARG A 140 11.72 3.97 6.83
N LEU A 141 11.90 2.66 6.74
CA LEU A 141 12.42 1.86 7.83
C LEU A 141 13.80 2.33 8.28
N GLY A 142 14.70 2.55 7.32
CA GLY A 142 16.01 3.12 7.62
C GLY A 142 15.95 4.64 7.63
N MET B 21 -0.53 0.08 29.55
CA MET B 21 -0.97 0.10 28.15
C MET B 21 0.23 0.19 27.20
N LEU B 22 0.22 -0.64 26.16
CA LEU B 22 1.36 -0.72 25.24
C LEU B 22 1.29 0.27 24.06
N TYR B 23 0.07 0.58 23.61
CA TYR B 23 -0.10 1.49 22.47
C TYR B 23 -1.06 2.66 22.76
N SER B 24 -0.84 3.77 22.08
CA SER B 24 -1.67 4.95 22.25
C SER B 24 -1.77 5.63 20.92
N SER B 25 -2.64 6.65 20.81
CA SER B 25 -2.79 7.39 19.56
C SER B 25 -1.48 8.02 19.07
N SER B 26 -0.50 8.09 19.96
CA SER B 26 0.84 8.61 19.66
C SER B 26 1.65 7.69 18.72
N ASP B 27 1.07 6.57 18.32
CA ASP B 27 1.70 5.69 17.35
C ASP B 27 0.71 5.26 16.26
N ASP B 28 1.18 4.50 15.29
CA ASP B 28 0.41 4.20 14.09
C ASP B 28 -0.26 2.84 14.17
N VAL B 29 -0.18 2.23 15.35
CA VAL B 29 -0.82 0.96 15.62
C VAL B 29 -2.27 1.20 15.99
N ILE B 30 -3.19 0.57 15.27
CA ILE B 30 -4.62 0.76 15.55
C ILE B 30 -5.10 -0.16 16.65
N GLU B 31 -5.63 0.42 17.73
CA GLU B 31 -6.17 -0.41 18.81
C GLU B 31 -7.45 -1.06 18.33
N LEU B 32 -7.53 -2.37 18.43
CA LEU B 32 -8.73 -3.08 17.98
C LEU B 32 -9.40 -3.77 19.15
N THR B 33 -10.73 -3.68 19.18
CA THR B 33 -11.56 -4.24 20.24
C THR B 33 -12.78 -4.95 19.62
N PRO B 34 -13.57 -5.67 20.45
CA PRO B 34 -14.82 -6.23 19.92
C PRO B 34 -15.72 -5.18 19.26
N SER B 35 -15.62 -3.92 19.67
CA SER B 35 -16.44 -2.86 19.09
C SER B 35 -16.15 -2.50 17.63
N ASN B 36 -14.89 -2.63 17.21
CA ASN B 36 -14.52 -2.14 15.88
C ASN B 36 -13.83 -3.18 15.02
N PHE B 37 -13.61 -4.39 15.55
CA PHE B 37 -12.80 -5.36 14.83
C PHE B 37 -13.46 -5.72 13.52
N ASN B 38 -14.76 -5.99 13.56
CA ASN B 38 -15.44 -6.44 12.36
C ASN B 38 -15.48 -5.32 11.33
N ARG B 39 -15.70 -4.10 11.81
CA ARG B 39 -15.89 -2.95 10.94
C ARG B 39 -14.58 -2.49 10.32
N GLU B 40 -13.51 -2.49 11.11
CA GLU B 40 -12.21 -1.99 10.70
C GLU B 40 -11.42 -3.01 9.90
N VAL B 41 -11.50 -4.27 10.32
CA VAL B 41 -10.68 -5.32 9.74
C VAL B 41 -11.47 -6.19 8.78
N ILE B 42 -12.47 -6.91 9.30
CA ILE B 42 -13.19 -7.89 8.50
C ILE B 42 -13.93 -7.28 7.31
N GLN B 43 -14.44 -6.06 7.48
CA GLN B 43 -15.17 -5.40 6.40
C GLN B 43 -14.26 -4.68 5.41
N SER B 44 -12.96 -4.71 5.68
CA SER B 44 -12.00 -3.90 4.94
C SER B 44 -11.44 -4.62 3.71
N ASP B 45 -11.14 -3.83 2.68
CA ASP B 45 -10.46 -4.33 1.49
C ASP B 45 -8.95 -4.21 1.62
N SER B 46 -8.51 -3.66 2.76
CA SER B 46 -7.09 -3.41 2.99
C SER B 46 -6.41 -4.68 3.45
N LEU B 47 -5.08 -4.73 3.32
CA LEU B 47 -4.29 -5.77 3.98
C LEU B 47 -4.15 -5.36 5.43
N TRP B 48 -4.39 -6.30 6.34
CA TRP B 48 -4.21 -6.04 7.78
C TRP B 48 -3.21 -6.99 8.41
N LEU B 49 -2.36 -6.44 9.28
CA LEU B 49 -1.58 -7.25 10.22
C LEU B 49 -2.15 -6.97 11.60
N VAL B 50 -2.44 -8.04 12.34
CA VAL B 50 -3.00 -7.89 13.68
C VAL B 50 -2.22 -8.71 14.69
N GLU B 51 -1.72 -8.03 15.72
CA GLU B 51 -1.06 -8.67 16.86
C GLU B 51 -2.03 -8.94 18.01
N PHE B 52 -2.20 -10.20 18.37
CA PHE B 52 -3.00 -10.52 19.56
C PHE B 52 -2.05 -10.69 20.73
N TYR B 53 -2.21 -9.87 21.76
CA TYR B 53 -1.24 -9.81 22.86
C TYR B 53 -1.91 -9.69 24.22
N ALA B 54 -1.08 -9.65 25.26
CA ALA B 54 -1.49 -9.28 26.61
C ALA B 54 -0.45 -8.31 27.14
N PRO B 55 -0.89 -7.21 27.75
CA PRO B 55 0.04 -6.18 28.22
C PRO B 55 1.08 -6.72 29.20
N TRP B 56 0.70 -7.73 29.97
CA TRP B 56 1.57 -8.23 31.02
C TRP B 56 2.56 -9.28 30.54
N CYS B 57 2.44 -9.69 29.28
CA CYS B 57 3.28 -10.75 28.76
C CYS B 57 4.64 -10.20 28.36
N GLY B 58 5.69 -10.74 28.98
CA GLY B 58 7.06 -10.34 28.72
C GLY B 58 7.40 -10.38 27.23
N HIS B 59 7.04 -11.48 26.57
CA HIS B 59 7.33 -11.65 25.14
C HIS B 59 6.59 -10.61 24.28
N ALA B 60 5.35 -10.29 24.65
CA ALA B 60 4.61 -9.28 23.90
C ALA B 60 5.26 -7.92 24.11
N GLN B 61 5.71 -7.64 25.33
CA GLN B 61 6.32 -6.35 25.61
C GLN B 61 7.55 -6.10 24.75
N ARG B 62 8.31 -7.15 24.48
CA ARG B 62 9.50 -6.99 23.66
C ARG B 62 9.10 -6.65 22.20
N LEU B 63 8.02 -7.24 21.74
CA LEU B 63 7.58 -7.00 20.36
C LEU B 63 7.14 -5.55 20.10
N THR B 64 6.70 -4.86 21.14
CA THR B 64 6.06 -3.54 21.02
C THR B 64 6.82 -2.51 20.20
N PRO B 65 8.12 -2.25 20.52
CA PRO B 65 8.82 -1.29 19.65
C PRO B 65 8.88 -1.71 18.20
N GLU B 66 8.95 -3.02 17.95
CA GLU B 66 9.09 -3.51 16.59
C GLU B 66 7.76 -3.43 15.87
N TRP B 67 6.67 -3.67 16.60
CA TRP B 67 5.34 -3.54 16.02
C TRP B 67 5.07 -2.10 15.60
N LYS B 68 5.44 -1.15 16.46
CA LYS B 68 5.29 0.27 16.16
C LYS B 68 6.09 0.69 14.92
N LYS B 69 7.32 0.20 14.83
CA LYS B 69 8.21 0.47 13.70
C LYS B 69 7.58 0.00 12.40
N ALA B 70 7.03 -1.21 12.39
CA ALA B 70 6.35 -1.74 11.22
C ALA B 70 5.13 -0.90 10.83
N ALA B 71 4.33 -0.54 11.83
CA ALA B 71 3.11 0.23 11.60
C ALA B 71 3.44 1.56 10.94
N THR B 72 4.49 2.21 11.42
CA THR B 72 4.89 3.50 10.85
C THR B 72 5.41 3.32 9.43
N ALA B 73 6.30 2.35 9.24
CA ALA B 73 6.87 2.14 7.92
C ALA B 73 5.78 1.78 6.91
N LEU B 74 4.72 1.09 7.37
CA LEU B 74 3.65 0.66 6.47
C LEU B 74 2.47 1.64 6.41
N LYS B 75 2.64 2.79 7.03
CA LYS B 75 1.56 3.75 7.14
C LYS B 75 0.96 4.12 5.76
N ASP B 76 -0.37 4.09 5.69
CA ASP B 76 -1.13 4.39 4.48
C ASP B 76 -1.00 3.31 3.40
N VAL B 77 -0.28 2.24 3.70
CA VAL B 77 -0.10 1.15 2.75
C VAL B 77 -0.67 -0.16 3.28
N VAL B 78 -0.27 -0.52 4.52
CA VAL B 78 -0.86 -1.67 5.20
C VAL B 78 -1.42 -1.22 6.55
N LYS B 79 -2.58 -1.74 6.95
CA LYS B 79 -3.10 -1.41 8.25
C LYS B 79 -2.54 -2.38 9.29
N VAL B 80 -2.10 -1.82 10.42
CA VAL B 80 -1.42 -2.59 11.45
C VAL B 80 -2.12 -2.33 12.78
N GLY B 81 -2.74 -3.37 13.31
CA GLY B 81 -3.53 -3.22 14.52
C GLY B 81 -3.11 -4.16 15.63
N ALA B 82 -3.66 -3.97 16.82
CA ALA B 82 -3.38 -4.86 17.95
C ALA B 82 -4.59 -5.09 18.84
N VAL B 83 -4.74 -6.32 19.29
CA VAL B 83 -5.85 -6.70 20.14
C VAL B 83 -5.32 -7.22 21.46
N ASP B 84 -5.71 -6.59 22.55
CA ASP B 84 -5.44 -7.11 23.89
C ASP B 84 -6.34 -8.32 24.06
N ALA B 85 -5.82 -9.49 23.71
CA ALA B 85 -6.64 -10.70 23.67
C ALA B 85 -6.83 -11.30 25.05
N ASP B 86 -6.21 -10.69 26.05
CA ASP B 86 -6.47 -11.10 27.42
C ASP B 86 -7.71 -10.37 27.91
N LYS B 87 -7.76 -9.05 27.72
CA LYS B 87 -8.96 -8.33 28.08
C LYS B 87 -10.11 -8.80 27.19
N HIS B 88 -9.87 -8.85 25.89
CA HIS B 88 -10.92 -9.17 24.94
C HIS B 88 -10.78 -10.60 24.48
N HIS B 89 -11.00 -11.53 25.40
CA HIS B 89 -10.75 -12.94 25.16
C HIS B 89 -11.72 -13.56 24.16
N SER B 90 -12.84 -12.88 23.89
CA SER B 90 -13.76 -13.36 22.87
C SER B 90 -13.07 -13.30 21.51
N LEU B 91 -12.38 -12.19 21.24
CA LEU B 91 -11.64 -12.03 19.99
C LEU B 91 -10.55 -13.07 19.88
N GLY B 92 -9.81 -13.24 20.96
CA GLY B 92 -8.76 -14.24 21.03
C GLY B 92 -9.27 -15.62 20.70
N GLY B 93 -10.34 -16.03 21.37
CA GLY B 93 -10.88 -17.35 21.18
C GLY B 93 -11.39 -17.53 19.77
N GLN B 94 -12.00 -16.48 19.23
CA GLN B 94 -12.44 -16.48 17.83
C GLN B 94 -11.35 -16.90 16.86
N TYR B 95 -10.12 -16.43 17.08
CA TYR B 95 -9.03 -16.72 16.15
C TYR B 95 -8.05 -17.74 16.70
N GLY B 96 -8.49 -18.48 17.70
CA GLY B 96 -7.73 -19.59 18.25
C GLY B 96 -6.40 -19.19 18.82
N VAL B 97 -6.35 -18.01 19.42
CA VAL B 97 -5.11 -17.50 19.98
C VAL B 97 -4.79 -18.22 21.29
N GLN B 98 -3.69 -18.97 21.30
CA GLN B 98 -3.35 -19.78 22.45
C GLN B 98 -2.15 -19.24 23.21
N GLY B 99 -1.48 -18.26 22.63
CA GLY B 99 -0.36 -17.62 23.29
C GLY B 99 -0.14 -16.21 22.82
N PHE B 100 0.58 -15.42 23.61
CA PHE B 100 0.86 -14.05 23.25
C PHE B 100 2.36 -13.86 23.06
N PRO B 101 2.77 -13.06 22.06
CA PRO B 101 1.89 -12.46 21.06
C PRO B 101 1.67 -13.47 19.95
N THR B 102 0.51 -13.39 19.34
CA THR B 102 0.24 -14.10 18.10
C THR B 102 -0.07 -13.11 17.00
N ILE B 103 0.60 -13.25 15.85
CA ILE B 103 0.45 -12.32 14.73
C ILE B 103 -0.25 -13.00 13.56
N LYS B 104 -1.34 -12.37 13.10
CA LYS B 104 -2.12 -12.86 11.97
C LYS B 104 -2.14 -11.81 10.88
N ILE B 105 -2.26 -12.28 9.64
CA ILE B 105 -2.27 -11.45 8.45
C ILE B 105 -3.58 -11.70 7.76
N PHE B 106 -4.36 -10.64 7.60
CA PHE B 106 -5.67 -10.75 6.99
C PHE B 106 -5.59 -10.24 5.55
N GLY B 107 -5.61 -11.16 4.60
CA GLY B 107 -5.45 -10.82 3.20
C GLY B 107 -6.78 -10.54 2.53
N SER B 108 -6.93 -10.98 1.29
CA SER B 108 -8.16 -10.66 0.56
C SER B 108 -9.38 -11.43 1.09
N ASN B 109 -9.18 -12.66 1.56
CA ASN B 109 -10.25 -13.38 2.25
C ASN B 109 -10.12 -13.18 3.78
N LYS B 110 -10.87 -12.21 4.30
CA LYS B 110 -10.77 -11.83 5.71
C LYS B 110 -11.25 -12.94 6.66
N ASN B 111 -11.91 -13.94 6.10
CA ASN B 111 -12.34 -15.10 6.88
C ASN B 111 -11.24 -16.17 7.04
N ARG B 112 -10.08 -15.96 6.38
CA ARG B 112 -9.00 -16.93 6.46
C ARG B 112 -7.64 -16.27 6.70
N PRO B 113 -7.45 -15.71 7.92
CA PRO B 113 -6.18 -15.07 8.24
C PRO B 113 -5.06 -16.09 8.22
N GLU B 114 -3.84 -15.61 8.00
CA GLU B 114 -2.66 -16.43 7.90
C GLU B 114 -1.80 -16.14 9.11
N ASP B 115 -1.24 -17.19 9.71
CA ASP B 115 -0.36 -17.01 10.83
C ASP B 115 1.02 -16.62 10.38
N TYR B 116 1.62 -15.69 11.12
CA TYR B 116 2.99 -15.28 10.86
C TYR B 116 3.90 -15.93 11.90
N GLN B 117 4.95 -16.59 11.44
CA GLN B 117 5.86 -17.32 12.33
C GLN B 117 7.32 -16.91 12.15
N GLY B 118 7.54 -15.79 11.48
CA GLY B 118 8.91 -15.35 11.19
C GLY B 118 9.46 -14.57 12.35
N GLY B 119 10.57 -13.86 12.14
CA GLY B 119 11.22 -13.15 13.22
C GLY B 119 10.39 -11.97 13.69
N ARG B 120 10.55 -11.59 14.95
CA ARG B 120 9.81 -10.47 15.52
C ARG B 120 10.54 -9.13 15.38
N THR B 121 11.19 -8.90 14.26
CA THR B 121 11.81 -7.61 14.03
C THR B 121 10.95 -6.81 13.07
N GLY B 122 11.04 -5.49 13.13
CA GLY B 122 10.25 -4.63 12.28
C GLY B 122 10.51 -4.91 10.81
N GLU B 123 11.76 -5.29 10.52
CA GLU B 123 12.19 -5.51 9.14
C GLU B 123 11.57 -6.80 8.60
N ALA B 124 11.62 -7.85 9.41
CA ALA B 124 11.05 -9.13 9.00
C ALA B 124 9.56 -8.98 8.84
N ILE B 125 8.94 -8.25 9.76
CA ILE B 125 7.51 -8.07 9.75
C ILE B 125 7.06 -7.31 8.50
N VAL B 126 7.76 -6.23 8.19
CA VAL B 126 7.50 -5.46 6.99
C VAL B 126 7.65 -6.33 5.75
N ASP B 127 8.65 -7.21 5.73
CA ASP B 127 8.85 -8.11 4.58
C ASP B 127 7.64 -9.02 4.41
N ALA B 128 7.14 -9.53 5.53
CA ALA B 128 5.99 -10.42 5.47
C ALA B 128 4.77 -9.65 4.97
N ALA B 129 4.64 -8.40 5.39
CA ALA B 129 3.48 -7.59 5.02
C ALA B 129 3.46 -7.36 3.51
N LEU B 130 4.62 -7.03 2.96
CA LEU B 130 4.69 -6.68 1.55
C LEU B 130 4.48 -7.91 0.67
N SER B 131 4.96 -9.06 1.12
CA SER B 131 4.62 -10.30 0.43
C SER B 131 3.10 -10.48 0.41
N ALA B 132 2.45 -10.28 1.55
CA ALA B 132 1.00 -10.47 1.63
C ALA B 132 0.25 -9.42 0.82
N LEU B 133 0.83 -8.22 0.77
CA LEU B 133 0.24 -7.12 0.04
C LEU B 133 0.29 -7.41 -1.45
N ARG B 134 1.41 -7.94 -1.93
CA ARG B 134 1.54 -8.28 -3.35
C ARG B 134 0.47 -9.27 -3.71
N GLN B 135 0.31 -10.29 -2.85
CA GLN B 135 -0.74 -11.28 -3.05
C GLN B 135 -2.13 -10.63 -3.13
N LEU B 136 -2.40 -9.69 -2.23
CA LEU B 136 -3.71 -9.05 -2.18
C LEU B 136 -3.98 -8.25 -3.44
N VAL B 137 -2.97 -7.50 -3.88
CA VAL B 137 -3.09 -6.72 -5.12
C VAL B 137 -3.24 -7.63 -6.34
N LYS B 138 -2.52 -8.74 -6.36
CA LYS B 138 -2.66 -9.68 -7.48
C LYS B 138 -4.03 -10.33 -7.46
N ASP B 139 -4.61 -10.51 -6.27
CA ASP B 139 -5.95 -11.06 -6.17
C ASP B 139 -6.97 -10.13 -6.82
N ARG B 140 -6.85 -8.83 -6.56
CA ARG B 140 -7.74 -7.84 -7.17
C ARG B 140 -7.58 -7.85 -8.70
N LEU B 141 -6.32 -7.82 -9.16
CA LEU B 141 -6.01 -7.81 -10.57
C LEU B 141 -6.52 -9.07 -11.26
N GLY B 142 -6.28 -10.23 -10.66
CA GLY B 142 -6.64 -11.52 -11.28
C GLY B 142 -8.14 -11.70 -11.47
N GLU C 3 6.67 2.35 -30.22
CA GLU C 3 6.00 2.29 -28.92
C GLU C 3 5.55 3.66 -28.37
N VAL C 4 5.88 4.76 -29.06
CA VAL C 4 5.54 6.11 -28.58
C VAL C 4 5.19 7.16 -29.70
N CYS C 5 4.20 8.01 -29.48
CA CYS C 5 3.98 9.16 -30.39
C CYS C 5 4.80 10.36 -29.92
N PRO C 6 5.68 10.87 -30.80
CA PRO C 6 6.45 12.09 -30.52
C PRO C 6 5.55 13.25 -30.09
N ALA C 7 5.99 14.06 -29.13
CA ALA C 7 5.23 15.25 -28.77
C ALA C 7 5.46 16.36 -29.81
N GLY C 8 4.58 17.36 -29.83
CA GLY C 8 4.72 18.47 -30.75
C GLY C 8 5.56 19.62 -30.21
N GLU D 3 8.85 -18.31 23.44
CA GLU D 3 8.64 -16.93 23.01
C GLU D 3 7.15 -16.57 22.98
N VAL D 4 6.35 -17.28 23.75
CA VAL D 4 4.92 -17.04 23.84
C VAL D 4 4.45 -17.23 25.31
N CYS D 5 3.67 -16.29 25.87
CA CYS D 5 3.04 -16.55 27.16
C CYS D 5 1.76 -17.28 26.85
N PRO D 6 1.47 -18.37 27.58
CA PRO D 6 0.22 -19.11 27.39
C PRO D 6 -1.05 -18.28 27.64
N ALA D 7 -2.14 -18.56 26.92
CA ALA D 7 -3.41 -17.87 27.11
C ALA D 7 -4.19 -18.42 28.32
N GLY D 8 -4.99 -17.56 28.95
CA GLY D 8 -5.75 -17.93 30.14
C GLY D 8 -6.78 -19.01 29.92
#